data_8WXR
#
_entry.id   8WXR
#
_cell.length_a   64.697
_cell.length_b   47.028
_cell.length_c   103.050
_cell.angle_alpha   90.00
_cell.angle_beta   107.47
_cell.angle_gamma   90.00
#
_symmetry.space_group_name_H-M   'P 1 21 1'
#
loop_
_entity.id
_entity.type
_entity.pdbx_description
1 polymer 'WD repeat-containing protein 5'
2 polymer MBD3C
3 water water
#
loop_
_entity_poly.entity_id
_entity_poly.type
_entity_poly.pdbx_seq_one_letter_code
_entity_poly.pdbx_strand_id
1 'polypeptide(L)'
;GSHMTQSKPTPVKPNYALKFTLAGHTKAVSSVKFSPNGEWLASSSADKLIKIWGAYDGKFEKTISGHKLGISDVAWSSDS
NLLVSASDDKTLKIWDVSSGKCLKTLKGHSNYVFCCNFNPQSNLIVSGSFDESVRIWDVKTGKCLKTLPAHSDPVSAVHF
NRDGSLIVSSSYDGLCRIWDTASGQCLKTLIDDDNPPVSFVKFSPNGKYILAATLDNTLKLWDYSKGKCLKTYTGHKNEK
YCIFANFSVTGGKWIVSGSEDNLVYIWNLQTKEIVQKLQGHTDVVISTACHPTENIIASAALENDKTIKLWKSDC
;
A,B
2 'polypeptide(L)' GAARCRVASPQG C,D
#
# COMPACT_ATOMS: atom_id res chain seq x y z
N VAL A 12 -20.81 12.61 -2.03
CA VAL A 12 -20.30 13.97 -1.81
C VAL A 12 -18.78 13.95 -1.94
N LYS A 13 -18.28 14.73 -2.89
CA LYS A 13 -16.84 14.78 -3.01
C LYS A 13 -16.46 16.27 -2.96
N PRO A 14 -15.28 16.61 -2.47
CA PRO A 14 -14.90 18.02 -2.41
C PRO A 14 -14.44 18.52 -3.78
N ASN A 15 -14.27 19.84 -3.86
CA ASN A 15 -13.82 20.49 -5.10
C ASN A 15 -12.73 21.52 -4.78
N TYR A 16 -11.73 21.09 -4.01
CA TYR A 16 -10.61 21.97 -3.69
C TYR A 16 -9.98 22.54 -4.96
N ALA A 17 -9.80 23.85 -4.97
CA ALA A 17 -9.17 24.53 -6.10
C ALA A 17 -8.11 25.47 -5.58
N LEU A 18 -7.01 25.57 -6.34
CA LEU A 18 -5.89 26.41 -5.96
C LEU A 18 -6.31 27.87 -5.93
N LYS A 19 -6.05 28.54 -4.80
CA LYS A 19 -6.36 29.95 -4.72
C LYS A 19 -5.12 30.82 -4.54
N PHE A 20 -4.08 30.34 -3.86
CA PHE A 20 -2.88 31.12 -3.61
C PHE A 20 -1.64 30.23 -3.61
N THR A 21 -0.53 30.77 -4.11
CA THR A 21 0.78 30.14 -3.98
C THR A 21 1.67 31.11 -3.24
N LEU A 22 2.29 30.64 -2.17
CA LEU A 22 3.06 31.47 -1.24
C LEU A 22 4.54 31.16 -1.43
N ALA A 23 5.25 32.09 -2.05
CA ALA A 23 6.68 31.97 -2.27
C ALA A 23 7.44 32.77 -1.22
N GLY A 24 8.69 32.36 -1.02
CA GLY A 24 9.58 33.10 -0.14
C GLY A 24 10.60 32.26 0.59
N HIS A 25 10.29 31.00 0.87
CA HIS A 25 11.31 30.12 1.44
C HIS A 25 12.38 29.83 0.39
N THR A 26 13.64 29.78 0.82
CA THR A 26 14.74 29.63 -0.11
C THR A 26 15.31 28.21 -0.15
N LYS A 27 14.77 27.31 0.67
CA LYS A 27 15.01 25.89 0.60
C LYS A 27 13.66 25.22 0.78
N ALA A 28 13.64 23.88 0.74
CA ALA A 28 12.41 23.12 0.99
C ALA A 28 11.65 23.57 2.24
N VAL A 29 10.31 23.54 2.12
CA VAL A 29 9.46 23.55 3.31
C VAL A 29 9.50 22.16 3.94
N SER A 30 9.31 22.18 5.25
CA SER A 30 9.24 21.03 6.11
C SER A 30 7.84 20.84 6.65
N SER A 31 7.14 21.93 6.96
CA SER A 31 5.80 21.78 7.50
C SER A 31 5.03 23.11 7.52
N VAL A 32 3.70 22.98 7.42
CA VAL A 32 2.78 24.12 7.54
C VAL A 32 1.69 23.75 8.54
N LYS A 33 1.29 24.72 9.36
CA LYS A 33 0.24 24.56 10.37
C LYS A 33 -0.62 25.80 10.44
N PHE A 34 -1.94 25.62 10.42
CA PHE A 34 -2.84 26.74 10.68
C PHE A 34 -2.89 27.03 12.18
N SER A 35 -2.91 28.32 12.52
CA SER A 35 -3.17 28.72 13.91
C SER A 35 -4.58 28.25 14.32
N PRO A 36 -4.76 27.87 15.60
CA PRO A 36 -6.09 27.47 16.06
C PRO A 36 -7.17 28.52 15.82
N ASN A 37 -6.86 29.81 15.92
CA ASN A 37 -7.89 30.81 15.68
C ASN A 37 -8.18 31.03 14.19
N GLY A 38 -7.52 30.27 13.31
CA GLY A 38 -7.80 30.28 11.88
C GLY A 38 -7.18 31.42 11.10
N GLU A 39 -6.50 32.35 11.78
CA GLU A 39 -6.05 33.56 11.12
C GLU A 39 -4.78 33.34 10.30
N TRP A 40 -3.90 32.47 10.76
CA TRP A 40 -2.55 32.41 10.24
C TRP A 40 -2.21 31.01 9.79
N LEU A 41 -1.26 30.96 8.87
CA LEU A 41 -0.50 29.76 8.54
C LEU A 41 0.95 30.00 8.92
N ALA A 42 1.52 29.07 9.68
CA ALA A 42 2.94 29.08 9.98
C ALA A 42 3.63 28.04 9.10
N SER A 43 4.77 28.40 8.53
CA SER A 43 5.58 27.47 7.75
C SER A 43 7.00 27.42 8.29
N SER A 44 7.58 26.22 8.30
CA SER A 44 8.98 26.03 8.64
C SER A 44 9.71 25.45 7.43
N SER A 45 11.02 25.68 7.39
CA SER A 45 11.76 25.35 6.18
C SER A 45 13.17 24.92 6.51
N ALA A 46 13.76 24.16 5.58
CA ALA A 46 15.18 23.87 5.66
C ALA A 46 16.02 25.13 5.63
N ASP A 47 15.45 26.27 5.20
CA ASP A 47 16.23 27.49 5.12
C ASP A 47 16.41 28.16 6.46
N LYS A 48 16.08 27.46 7.55
CA LYS A 48 16.25 27.87 8.96
C LYS A 48 15.19 28.86 9.43
N LEU A 49 14.18 29.17 8.61
CA LEU A 49 13.25 30.24 8.93
C LEU A 49 11.85 29.70 9.17
N ILE A 50 11.09 30.44 9.99
CA ILE A 50 9.63 30.30 10.08
C ILE A 50 8.99 31.51 9.41
N LYS A 51 7.94 31.29 8.64
CA LYS A 51 7.20 32.40 8.06
C LYS A 51 5.72 32.33 8.46
N ILE A 52 5.13 33.50 8.69
CA ILE A 52 3.73 33.64 9.07
C ILE A 52 3.00 34.30 7.89
N TRP A 53 1.86 33.71 7.51
CA TRP A 53 1.05 34.10 6.37
C TRP A 53 -0.42 34.25 6.76
N GLY A 54 -1.13 35.13 6.05
CA GLY A 54 -2.58 35.19 6.18
C GLY A 54 -3.25 33.92 5.67
N ALA A 55 -4.05 33.28 6.52
CA ALA A 55 -4.59 31.97 6.20
C ALA A 55 -5.60 32.04 5.05
N TYR A 56 -6.26 33.18 4.88
CA TYR A 56 -7.32 33.29 3.89
C TYR A 56 -6.88 33.95 2.59
N ASP A 57 -5.87 34.82 2.63
CA ASP A 57 -5.38 35.47 1.41
C ASP A 57 -3.92 35.15 1.09
N GLY A 58 -3.26 34.35 1.91
CA GLY A 58 -1.87 34.04 1.67
C GLY A 58 -0.91 35.20 1.86
N LYS A 59 -1.37 36.33 2.42
CA LYS A 59 -0.53 37.52 2.54
C LYS A 59 0.66 37.22 3.44
N PHE A 60 1.87 37.45 2.94
CA PHE A 60 3.04 37.34 3.80
C PHE A 60 2.93 38.30 4.98
N GLU A 61 3.16 37.77 6.18
CA GLU A 61 3.05 38.56 7.40
C GLU A 61 4.41 38.82 8.02
N LYS A 62 5.19 37.78 8.33
CA LYS A 62 6.50 38.04 8.91
C LYS A 62 7.41 36.83 8.80
N THR A 63 8.71 37.09 8.97
CA THR A 63 9.73 36.04 9.07
C THR A 63 10.27 35.99 10.49
N ILE A 64 10.39 34.78 11.03
CA ILE A 64 10.91 34.51 12.36
C ILE A 64 12.18 33.68 12.23
N SER A 65 13.27 34.18 12.82
CA SER A 65 14.59 33.59 12.63
C SER A 65 15.32 33.44 13.95
N GLY A 66 16.35 32.61 13.94
CA GLY A 66 17.18 32.41 15.11
C GLY A 66 17.77 31.01 15.21
N HIS A 67 17.09 30.01 14.65
CA HIS A 67 17.69 28.68 14.57
C HIS A 67 18.94 28.73 13.70
N LYS A 68 19.97 27.98 14.09
CA LYS A 68 21.25 27.94 13.39
C LYS A 68 21.29 26.92 12.26
N LEU A 69 20.34 25.98 12.21
CA LEU A 69 20.25 24.99 11.16
C LEU A 69 18.78 24.84 10.78
N GLY A 70 18.51 24.04 9.75
CA GLY A 70 17.16 23.94 9.21
C GLY A 70 16.15 23.43 10.24
N ILE A 71 14.87 23.65 9.93
CA ILE A 71 13.75 23.32 10.81
C ILE A 71 12.88 22.26 10.15
N SER A 72 12.58 21.19 10.90
CA SER A 72 11.74 20.10 10.40
C SER A 72 10.29 20.19 10.83
N ASP A 73 9.95 21.00 11.83
CA ASP A 73 8.59 21.02 12.32
C ASP A 73 8.33 22.32 13.09
N VAL A 74 7.06 22.69 13.15
CA VAL A 74 6.61 23.89 13.87
C VAL A 74 5.18 23.65 14.33
N ALA A 75 4.83 24.14 15.52
CA ALA A 75 3.49 23.90 16.04
C ALA A 75 3.02 25.09 16.85
N TRP A 76 1.70 25.29 16.86
CA TRP A 76 1.04 26.41 17.54
C TRP A 76 0.57 26.02 18.95
N SER A 77 0.59 27.01 19.85
CA SER A 77 -0.12 26.84 21.10
C SER A 77 -1.61 27.02 20.85
N SER A 78 -2.42 26.53 21.80
CA SER A 78 -3.87 26.53 21.62
CA SER A 78 -3.87 26.53 21.62
C SER A 78 -4.47 27.93 21.59
N ASP A 79 -3.79 28.93 22.17
CA ASP A 79 -4.28 30.31 22.13
C ASP A 79 -3.76 31.09 20.93
N SER A 80 -3.03 30.43 20.02
CA SER A 80 -2.48 31.02 18.80
C SER A 80 -1.36 32.02 19.07
N ASN A 81 -0.87 32.14 20.30
CA ASN A 81 0.10 33.19 20.63
C ASN A 81 1.55 32.76 20.52
N LEU A 82 1.85 31.47 20.68
CA LEU A 82 3.20 30.95 20.69
C LEU A 82 3.40 29.94 19.57
N LEU A 83 4.66 29.81 19.13
CA LEU A 83 5.08 28.69 18.30
C LEU A 83 6.21 27.93 18.98
N VAL A 84 6.34 26.66 18.63
CA VAL A 84 7.54 25.91 18.95
C VAL A 84 8.04 25.28 17.65
N SER A 85 9.36 25.29 17.47
CA SER A 85 10.02 24.75 16.29
C SER A 85 11.06 23.71 16.70
N ALA A 86 11.28 22.73 15.81
CA ALA A 86 12.25 21.65 16.01
C ALA A 86 13.28 21.69 14.88
N SER A 87 14.56 21.74 15.23
CA SER A 87 15.60 22.10 14.28
C SER A 87 16.70 21.05 14.23
N ASP A 88 17.42 21.02 13.10
CA ASP A 88 18.64 20.22 13.02
C ASP A 88 19.69 20.69 14.01
N ASP A 89 19.59 21.92 14.50
CA ASP A 89 20.58 22.36 15.49
C ASP A 89 20.42 21.71 16.87
N LYS A 90 19.57 20.69 17.03
CA LYS A 90 19.37 19.88 18.23
C LYS A 90 18.56 20.62 19.30
N THR A 91 18.02 21.79 19.00
CA THR A 91 17.21 22.51 19.96
C THR A 91 15.78 22.61 19.45
N LEU A 92 14.88 22.93 20.36
CA LEU A 92 13.59 23.48 20.00
C LEU A 92 13.60 24.95 20.40
N LYS A 93 12.80 25.75 19.73
CA LYS A 93 12.65 27.13 20.14
C LYS A 93 11.18 27.48 20.34
N ILE A 94 10.89 28.20 21.43
CA ILE A 94 9.58 28.76 21.70
C ILE A 94 9.63 30.23 21.35
N TRP A 95 8.68 30.65 20.50
CA TRP A 95 8.60 31.97 19.92
C TRP A 95 7.29 32.65 20.31
N ASP A 96 7.40 33.92 20.65
CA ASP A 96 6.23 34.78 20.71
C ASP A 96 5.87 35.25 19.29
N VAL A 97 4.67 34.90 18.83
CA VAL A 97 4.29 35.16 17.44
C VAL A 97 4.17 36.65 17.16
N SER A 98 3.57 37.41 18.09
CA SER A 98 3.35 38.83 17.80
C SER A 98 4.66 39.61 17.68
N SER A 99 5.67 39.26 18.49
CA SER A 99 6.93 39.98 18.50
C SER A 99 8.01 39.31 17.65
N GLY A 100 7.86 38.03 17.31
CA GLY A 100 8.89 37.29 16.64
C GLY A 100 10.06 36.88 17.52
N LYS A 101 10.00 37.16 18.81
CA LYS A 101 11.14 36.91 19.67
C LYS A 101 11.20 35.45 20.10
N CYS A 102 12.41 34.92 20.18
CA CYS A 102 12.63 33.61 20.78
C CYS A 102 12.51 33.74 22.30
N LEU A 103 11.48 33.12 22.86
CA LEU A 103 11.26 33.20 24.30
C LEU A 103 12.12 32.20 25.04
N LYS A 104 12.27 31.00 24.48
CA LYS A 104 13.04 29.96 25.14
C LYS A 104 13.72 29.09 24.11
N THR A 105 14.91 28.61 24.42
CA THR A 105 15.57 27.56 23.63
C THR A 105 15.64 26.29 24.48
N LEU A 106 15.09 25.20 23.95
CA LEU A 106 14.98 23.91 24.64
C LEU A 106 16.12 22.99 24.22
N LYS A 107 17.01 22.73 25.17
CA LYS A 107 18.27 22.03 24.93
C LYS A 107 18.28 20.72 25.69
N GLY A 108 18.87 19.70 25.07
CA GLY A 108 18.95 18.40 25.68
C GLY A 108 18.93 17.23 24.71
N HIS A 109 18.26 17.37 23.57
CA HIS A 109 18.42 16.36 22.52
C HIS A 109 19.86 16.35 22.02
N SER A 110 20.35 15.16 21.67
CA SER A 110 21.73 14.97 21.20
C SER A 110 21.83 14.79 19.69
N ASN A 111 20.73 14.96 18.97
CA ASN A 111 20.70 14.88 17.52
C ASN A 111 19.53 15.73 17.02
N TYR A 112 19.32 15.74 15.71
CA TYR A 112 18.25 16.54 15.11
C TYR A 112 16.93 16.36 15.84
N VAL A 113 16.22 17.47 16.08
CA VAL A 113 14.85 17.41 16.55
C VAL A 113 13.92 17.45 15.33
N PHE A 114 12.99 16.51 15.28
CA PHE A 114 12.24 16.18 14.07
C PHE A 114 10.80 16.64 14.14
N CYS A 115 10.18 16.58 15.31
CA CYS A 115 8.76 16.80 15.47
C CYS A 115 8.51 17.44 16.84
N CYS A 116 7.41 18.21 16.94
CA CYS A 116 7.08 18.87 18.20
C CYS A 116 5.58 19.16 18.25
N ASN A 117 5.08 19.38 19.47
CA ASN A 117 3.67 19.73 19.66
C ASN A 117 3.44 20.26 21.09
N PHE A 118 2.52 21.22 21.22
CA PHE A 118 2.02 21.61 22.53
C PHE A 118 0.93 20.64 22.96
N ASN A 119 0.75 20.50 24.27
CA ASN A 119 -0.46 19.89 24.79
C ASN A 119 -1.60 20.91 24.75
N PRO A 120 -2.85 20.46 24.90
CA PRO A 120 -3.97 21.41 24.86
C PRO A 120 -3.86 22.51 25.90
N GLN A 121 -3.35 22.21 27.09
CA GLN A 121 -3.13 23.22 28.12
C GLN A 121 -2.08 24.24 27.70
N SER A 122 -1.15 23.83 26.83
CA SER A 122 -0.05 24.64 26.33
C SER A 122 0.98 24.95 27.40
N ASN A 123 1.05 24.15 28.47
CA ASN A 123 2.13 24.26 29.43
C ASN A 123 3.23 23.23 29.17
N LEU A 124 3.00 22.26 28.29
CA LEU A 124 4.02 21.29 27.95
C LEU A 124 4.27 21.28 26.45
N ILE A 125 5.49 20.92 26.10
CA ILE A 125 5.85 20.61 24.73
C ILE A 125 6.35 19.18 24.69
N VAL A 126 5.95 18.43 23.66
CA VAL A 126 6.50 17.10 23.39
C VAL A 126 7.35 17.19 22.12
N SER A 127 8.49 16.52 22.14
CA SER A 127 9.38 16.51 20.99
C SER A 127 9.91 15.10 20.74
N GLY A 128 10.26 14.84 19.49
CA GLY A 128 10.93 13.61 19.12
C GLY A 128 12.15 13.93 18.28
N SER A 129 13.16 13.07 18.38
CA SER A 129 14.46 13.41 17.81
C SER A 129 15.08 12.19 17.15
N PHE A 130 16.09 12.47 16.32
CA PHE A 130 16.94 11.41 15.80
C PHE A 130 17.67 10.68 16.92
N ASP A 131 17.79 11.28 18.10
CA ASP A 131 18.45 10.58 19.19
C ASP A 131 17.59 9.45 19.79
N GLU A 132 16.42 9.18 19.23
CA GLU A 132 15.55 8.04 19.55
C GLU A 132 14.75 8.31 20.81
N SER A 133 14.84 9.50 21.37
CA SER A 133 14.11 9.85 22.59
C SER A 133 12.91 10.72 22.27
N VAL A 134 11.95 10.70 23.19
CA VAL A 134 10.87 11.69 23.25
C VAL A 134 11.11 12.53 24.50
N ARG A 135 11.04 13.84 24.36
CA ARG A 135 11.24 14.71 25.52
C ARG A 135 9.98 15.51 25.81
N ILE A 136 9.72 15.72 27.09
CA ILE A 136 8.62 16.54 27.57
C ILE A 136 9.22 17.71 28.31
N TRP A 137 8.83 18.92 27.89
CA TRP A 137 9.41 20.19 28.28
C TRP A 137 8.37 21.09 28.93
N ASP A 138 8.79 21.82 29.96
CA ASP A 138 7.97 22.84 30.59
C ASP A 138 8.02 24.14 29.79
N VAL A 139 6.86 24.60 29.32
CA VAL A 139 6.81 25.78 28.46
C VAL A 139 7.31 27.03 29.20
N LYS A 140 6.90 27.22 30.44
CA LYS A 140 7.22 28.46 31.15
C LYS A 140 8.71 28.58 31.43
N THR A 141 9.35 27.50 31.89
CA THR A 141 10.76 27.54 32.24
C THR A 141 11.67 27.08 31.12
N GLY A 142 11.14 26.40 30.12
CA GLY A 142 11.98 25.84 29.08
C GLY A 142 12.77 24.62 29.49
N LYS A 143 12.57 24.11 30.70
CA LYS A 143 13.34 22.97 31.19
C LYS A 143 12.74 21.64 30.72
N CYS A 144 13.62 20.66 30.53
CA CYS A 144 13.18 19.32 30.18
C CYS A 144 12.70 18.60 31.44
N LEU A 145 11.42 18.21 31.46
CA LEU A 145 10.83 17.49 32.57
C LEU A 145 11.04 15.98 32.47
N LYS A 146 10.99 15.43 31.26
CA LYS A 146 11.15 13.98 31.10
C LYS A 146 11.84 13.68 29.79
N THR A 147 12.64 12.62 29.81
CA THR A 147 13.24 12.03 28.62
C THR A 147 12.80 10.58 28.59
N LEU A 148 12.00 10.21 27.59
CA LEU A 148 11.50 8.87 27.40
C LEU A 148 12.40 8.16 26.43
N PRO A 149 12.98 6.99 26.78
CA PRO A 149 13.70 6.14 25.81
C PRO A 149 12.66 5.45 24.93
N ALA A 150 12.10 6.25 24.03
CA ALA A 150 10.82 5.90 23.43
C ALA A 150 10.95 4.83 22.36
N HIS A 151 12.06 4.80 21.62
CA HIS A 151 12.14 4.06 20.38
C HIS A 151 13.59 3.65 20.13
N SER A 152 13.80 2.80 19.13
CA SER A 152 15.14 2.32 18.81
C SER A 152 15.68 2.91 17.50
N ASP A 153 15.03 3.96 16.99
CA ASP A 153 15.38 4.65 15.76
C ASP A 153 14.79 6.05 15.85
N PRO A 154 15.09 6.93 14.89
CA PRO A 154 14.55 8.31 14.95
C PRO A 154 13.05 8.34 15.18
N VAL A 155 12.62 9.30 16.00
CA VAL A 155 11.20 9.53 16.30
C VAL A 155 10.61 10.47 15.25
N SER A 156 9.67 9.96 14.45
CA SER A 156 9.13 10.72 13.32
C SER A 156 8.00 11.67 13.72
N ALA A 157 7.22 11.35 14.76
CA ALA A 157 6.09 12.20 15.11
C ALA A 157 5.77 12.05 16.59
N VAL A 158 5.18 13.10 17.17
CA VAL A 158 4.69 13.12 18.54
C VAL A 158 3.45 14.00 18.60
N HIS A 159 2.43 13.55 19.33
CA HIS A 159 1.15 14.26 19.40
C HIS A 159 0.48 13.98 20.74
N PHE A 160 -0.04 15.02 21.39
CA PHE A 160 -0.89 14.86 22.56
C PHE A 160 -2.31 14.54 22.13
N ASN A 161 -3.02 13.80 22.99
CA ASN A 161 -4.45 13.57 22.78
C ASN A 161 -5.25 14.80 23.25
N ARG A 162 -6.57 14.73 23.09
CA ARG A 162 -7.41 15.92 23.27
C ARG A 162 -7.44 16.42 24.70
N ASP A 163 -7.19 15.59 25.71
CA ASP A 163 -7.17 16.07 27.08
C ASP A 163 -5.75 16.16 27.64
N GLY A 164 -4.73 15.83 26.85
CA GLY A 164 -3.35 15.92 27.26
C GLY A 164 -2.82 14.78 28.11
N SER A 165 -3.67 13.84 28.54
CA SER A 165 -3.21 12.74 29.38
C SER A 165 -2.30 11.77 28.63
N LEU A 166 -2.40 11.72 27.30
CA LEU A 166 -1.69 10.76 26.47
C LEU A 166 -0.83 11.45 25.41
N ILE A 167 0.28 10.79 25.07
CA ILE A 167 1.12 11.14 23.92
C ILE A 167 1.23 9.92 23.03
N VAL A 168 1.11 10.12 21.71
CA VAL A 168 1.43 9.07 20.75
C VAL A 168 2.72 9.45 20.03
N SER A 169 3.60 8.46 19.84
CA SER A 169 4.88 8.62 19.16
C SER A 169 5.02 7.54 18.09
N SER A 170 5.72 7.89 17.01
CA SER A 170 6.00 6.95 15.93
C SER A 170 7.49 7.01 15.59
N SER A 171 8.01 5.94 14.97
CA SER A 171 9.44 5.86 14.73
C SER A 171 9.73 5.01 13.50
N TYR A 172 10.92 5.27 12.93
CA TYR A 172 11.47 4.38 11.93
C TYR A 172 11.65 2.97 12.45
N ASP A 173 11.58 2.74 13.77
CA ASP A 173 11.69 1.36 14.24
C ASP A 173 10.44 0.53 13.96
N GLY A 174 9.42 1.10 13.33
CA GLY A 174 8.21 0.38 12.98
C GLY A 174 7.13 0.35 14.03
N LEU A 175 7.29 1.09 15.13
CA LEU A 175 6.36 1.07 16.24
C LEU A 175 5.61 2.38 16.38
N CYS A 176 4.35 2.29 16.82
CA CYS A 176 3.66 3.42 17.46
C CYS A 176 3.51 3.12 18.94
N ARG A 177 3.73 4.12 19.79
CA ARG A 177 3.60 3.90 21.22
C ARG A 177 2.72 4.97 21.83
N ILE A 178 1.88 4.55 22.76
CA ILE A 178 1.06 5.43 23.58
C ILE A 178 1.69 5.51 24.96
N TRP A 179 1.89 6.75 25.43
CA TRP A 179 2.53 7.09 26.70
C TRP A 179 1.56 7.86 27.59
N ASP A 180 1.60 7.52 28.87
CA ASP A 180 0.95 8.30 29.90
C ASP A 180 1.76 9.56 30.15
N THR A 181 1.15 10.72 29.90
CA THR A 181 1.87 11.98 30.02
C THR A 181 2.46 12.17 31.42
N ALA A 182 1.65 11.92 32.45
CA ALA A 182 2.07 12.26 33.81
C ALA A 182 3.25 11.42 34.28
N SER A 183 3.25 10.13 33.98
CA SER A 183 4.28 9.21 34.48
C SER A 183 5.42 8.95 33.50
N GLY A 184 5.20 9.23 32.22
CA GLY A 184 6.16 8.83 31.21
C GLY A 184 6.11 7.37 30.85
N GLN A 185 5.18 6.61 31.43
CA GLN A 185 5.15 5.17 31.21
C GLN A 185 4.43 4.82 29.91
N CYS A 186 4.90 3.74 29.29
CA CYS A 186 4.31 3.25 28.05
C CYS A 186 3.03 2.50 28.36
N LEU A 187 1.92 2.96 27.78
CA LEU A 187 0.64 2.27 27.91
C LEU A 187 0.41 1.26 26.80
N LYS A 188 0.94 1.51 25.61
CA LYS A 188 0.64 0.57 24.53
C LYS A 188 1.70 0.65 23.45
N THR A 189 2.07 -0.52 22.90
CA THR A 189 2.89 -0.58 21.70
C THR A 189 2.06 -1.21 20.58
N LEU A 190 1.86 -0.46 19.49
CA LEU A 190 1.23 -0.96 18.27
C LEU A 190 2.31 -1.39 17.28
N ILE A 191 2.28 -2.67 16.93
CA ILE A 191 3.10 -3.27 15.89
C ILE A 191 2.15 -3.76 14.79
N ASP A 192 2.66 -3.81 13.56
CA ASP A 192 1.80 -4.10 12.41
C ASP A 192 2.62 -4.77 11.31
N ASP A 193 2.16 -5.95 10.90
CA ASP A 193 2.77 -6.70 9.80
C ASP A 193 4.27 -6.88 10.00
N ASP A 194 5.09 -6.43 9.06
CA ASP A 194 6.54 -6.57 9.18
C ASP A 194 7.20 -5.30 9.72
N ASN A 195 6.43 -4.48 10.42
CA ASN A 195 6.92 -3.24 11.02
C ASN A 195 7.73 -2.33 10.08
N PRO A 196 7.10 -1.87 8.99
CA PRO A 196 7.78 -0.86 8.15
C PRO A 196 7.96 0.42 8.95
N PRO A 197 8.93 1.26 8.58
CA PRO A 197 9.12 2.52 9.30
C PRO A 197 7.81 3.30 9.40
N VAL A 198 7.51 3.76 10.61
CA VAL A 198 6.33 4.60 10.83
C VAL A 198 6.76 6.06 10.75
N SER A 199 6.23 6.75 9.73
CA SER A 199 6.70 8.05 9.33
C SER A 199 5.85 9.20 9.86
N PHE A 200 4.68 8.91 10.41
CA PHE A 200 3.80 9.95 10.97
C PHE A 200 2.73 9.27 11.80
N VAL A 201 2.27 9.97 12.83
CA VAL A 201 1.13 9.53 13.62
C VAL A 201 0.48 10.75 14.28
N LYS A 202 -0.83 10.68 14.48
CA LYS A 202 -1.54 11.64 15.32
C LYS A 202 -2.85 11.01 15.78
N PHE A 203 -3.37 11.55 16.88
CA PHE A 203 -4.70 11.15 17.35
C PHE A 203 -5.78 11.73 16.45
N SER A 204 -6.92 11.04 16.39
CA SER A 204 -8.13 11.60 15.79
C SER A 204 -8.65 12.73 16.68
N PRO A 205 -9.48 13.63 16.13
CA PRO A 205 -10.06 14.68 16.96
C PRO A 205 -10.86 14.15 18.15
N ASN A 206 -11.51 12.99 18.05
CA ASN A 206 -12.23 12.49 19.22
C ASN A 206 -11.34 11.73 20.19
N GLY A 207 -10.07 11.51 19.87
CA GLY A 207 -9.14 10.84 20.75
C GLY A 207 -9.20 9.32 20.76
N LYS A 208 -10.10 8.73 19.99
CA LYS A 208 -10.27 7.28 20.03
C LYS A 208 -9.34 6.56 19.06
N TYR A 209 -8.89 7.23 18.00
CA TYR A 209 -8.10 6.60 16.96
C TYR A 209 -6.76 7.28 16.81
N ILE A 210 -5.85 6.57 16.14
CA ILE A 210 -4.62 7.17 15.66
C ILE A 210 -4.54 6.89 14.16
N LEU A 211 -4.15 7.92 13.41
CA LEU A 211 -3.83 7.80 11.99
C LEU A 211 -2.32 7.66 11.85
N ALA A 212 -1.87 6.57 11.23
CA ALA A 212 -0.44 6.30 11.16
C ALA A 212 -0.02 6.10 9.71
N ALA A 213 1.03 6.78 9.30
CA ALA A 213 1.64 6.59 7.99
C ALA A 213 2.84 5.67 8.10
N THR A 214 2.96 4.74 7.15
CA THR A 214 4.14 3.89 7.02
C THR A 214 4.69 3.97 5.60
N LEU A 215 6.00 3.72 5.50
CA LEU A 215 6.81 3.98 4.30
C LEU A 215 6.65 2.81 3.35
N ASP A 216 5.50 2.16 3.42
CA ASP A 216 5.05 1.22 2.40
C ASP A 216 3.82 1.78 1.72
N ASN A 217 3.83 3.10 1.50
CA ASN A 217 2.78 3.78 0.76
C ASN A 217 1.42 3.60 1.42
N THR A 218 1.38 3.62 2.77
CA THR A 218 0.11 3.29 3.41
C THR A 218 -0.19 4.19 4.60
N LEU A 219 -1.46 4.61 4.71
CA LEU A 219 -2.01 5.22 5.93
C LEU A 219 -2.99 4.24 6.56
N LYS A 220 -3.03 4.19 7.89
CA LYS A 220 -3.95 3.29 8.59
C LYS A 220 -4.61 4.01 9.75
N LEU A 221 -5.92 3.83 9.88
CA LEU A 221 -6.67 4.30 11.03
C LEU A 221 -6.84 3.14 11.99
N TRP A 222 -6.29 3.32 13.21
CA TRP A 222 -6.20 2.31 14.26
C TRP A 222 -7.06 2.71 15.44
N ASP A 223 -7.84 1.76 15.95
CA ASP A 223 -8.31 1.82 17.32
C ASP A 223 -7.15 1.31 18.16
N TYR A 224 -6.38 2.23 18.70
CA TYR A 224 -5.20 1.86 19.51
C TYR A 224 -5.61 1.25 20.81
N SER A 225 -6.78 1.68 21.29
CA SER A 225 -7.43 1.16 22.46
C SER A 225 -7.56 -0.38 22.39
N LYS A 226 -8.05 -0.97 21.22
CA LYS A 226 -8.12 -2.48 20.96
C LYS A 226 -6.98 -3.03 20.10
N GLY A 227 -6.12 -2.17 19.56
CA GLY A 227 -5.11 -2.64 18.60
C GLY A 227 -5.63 -3.15 17.28
N LYS A 228 -6.70 -2.54 16.74
CA LYS A 228 -7.35 -3.01 15.52
C LYS A 228 -7.27 -1.93 14.45
N CYS A 229 -6.82 -2.33 13.28
CA CYS A 229 -6.81 -1.46 12.12
C CYS A 229 -8.22 -1.37 11.55
N LEU A 230 -8.80 -0.17 11.60
CA LEU A 230 -10.16 0.05 11.11
C LEU A 230 -10.19 0.42 9.63
N LYS A 231 -9.22 1.19 9.17
CA LYS A 231 -9.23 1.66 7.79
C LYS A 231 -7.81 1.73 7.27
N THR A 232 -7.65 1.55 5.95
CA THR A 232 -6.39 1.85 5.27
C THR A 232 -6.65 2.79 4.10
N TYR A 233 -5.68 3.70 3.86
CA TYR A 233 -5.74 4.66 2.77
C TYR A 233 -4.47 4.50 1.94
N THR A 234 -4.64 4.18 0.66
CA THR A 234 -3.55 3.84 -0.24
C THR A 234 -3.84 4.43 -1.60
N GLY A 235 -2.88 4.29 -2.52
CA GLY A 235 -2.96 4.89 -3.84
C GLY A 235 -2.00 6.04 -4.04
N HIS A 236 -1.49 6.62 -2.96
CA HIS A 236 -0.50 7.67 -2.99
C HIS A 236 0.91 7.06 -2.91
N LYS A 237 1.95 7.89 -3.01
CA LYS A 237 3.34 7.45 -2.92
C LYS A 237 3.95 7.99 -1.64
N ASN A 238 4.38 7.09 -0.76
CA ASN A 238 5.08 7.50 0.46
C ASN A 238 6.01 6.35 0.88
N GLU A 239 7.25 6.41 0.40
CA GLU A 239 8.28 5.44 0.69
C GLU A 239 9.53 6.06 1.32
N LYS A 240 9.66 7.37 1.32
CA LYS A 240 10.93 8.02 1.62
C LYS A 240 10.84 9.10 2.69
N TYR A 241 9.78 9.90 2.74
CA TYR A 241 9.75 11.09 3.58
C TYR A 241 8.66 10.98 4.63
N CYS A 242 8.83 11.70 5.74
CA CYS A 242 7.83 11.72 6.79
C CYS A 242 6.84 12.82 6.46
N ILE A 243 5.77 12.42 5.78
CA ILE A 243 4.76 13.33 5.25
C ILE A 243 3.59 13.40 6.23
N PHE A 244 3.17 14.62 6.57
CA PHE A 244 2.05 14.83 7.47
C PHE A 244 0.75 14.33 6.87
N ALA A 245 -0.12 13.77 7.70
CA ALA A 245 -1.49 13.46 7.33
C ALA A 245 -2.44 14.15 8.31
N ASN A 246 -3.70 14.29 7.89
CA ASN A 246 -4.66 15.10 8.61
C ASN A 246 -6.06 14.49 8.52
N PHE A 247 -6.86 14.80 9.54
CA PHE A 247 -8.31 14.69 9.48
C PHE A 247 -8.89 16.03 9.03
N SER A 248 -9.67 16.01 7.95
CA SER A 248 -10.45 17.15 7.51
C SER A 248 -11.88 16.97 8.02
N VAL A 249 -12.36 17.94 8.80
CA VAL A 249 -13.63 17.81 9.51
C VAL A 249 -14.55 19.00 9.32
N THR A 250 -14.13 20.04 8.58
CA THR A 250 -14.99 21.22 8.43
C THR A 250 -16.15 20.98 7.47
N GLY A 251 -15.98 20.11 6.49
CA GLY A 251 -17.06 19.74 5.59
C GLY A 251 -17.26 18.23 5.64
N GLY A 252 -17.05 17.55 4.53
CA GLY A 252 -17.04 16.10 4.54
C GLY A 252 -15.87 15.57 5.36
N LYS A 253 -16.00 14.32 5.82
CA LYS A 253 -14.97 13.72 6.67
C LYS A 253 -13.90 13.11 5.79
N TRP A 254 -12.82 13.84 5.57
CA TRP A 254 -11.75 13.33 4.72
C TRP A 254 -10.51 12.99 5.53
N ILE A 255 -9.64 12.18 4.91
CA ILE A 255 -8.23 12.06 5.27
C ILE A 255 -7.45 12.81 4.21
N VAL A 256 -6.45 13.61 4.65
CA VAL A 256 -5.65 14.44 3.75
C VAL A 256 -4.17 14.12 3.91
N SER A 257 -3.45 13.94 2.80
CA SER A 257 -2.01 13.71 2.90
C SER A 257 -1.27 14.23 1.67
N GLY A 258 -0.03 14.65 1.89
CA GLY A 258 0.90 14.84 0.79
C GLY A 258 1.34 13.51 0.20
N SER A 259 2.15 13.59 -0.85
CA SER A 259 2.53 12.39 -1.58
C SER A 259 3.79 12.69 -2.37
N GLU A 260 4.58 11.64 -2.61
CA GLU A 260 5.85 11.78 -3.30
C GLU A 260 5.71 11.81 -4.81
N ASP A 261 4.49 11.73 -5.34
CA ASP A 261 4.23 12.03 -6.74
C ASP A 261 3.79 13.47 -6.94
N ASN A 262 4.04 14.35 -5.97
CA ASN A 262 3.83 15.80 -6.04
C ASN A 262 2.36 16.19 -5.92
N LEU A 263 1.49 15.28 -5.50
CA LEU A 263 0.06 15.54 -5.39
C LEU A 263 -0.36 15.62 -3.92
N VAL A 264 -1.47 16.32 -3.67
CA VAL A 264 -2.20 16.16 -2.42
C VAL A 264 -3.29 15.12 -2.64
N TYR A 265 -3.38 14.11 -1.78
CA TYR A 265 -4.46 13.14 -1.84
C TYR A 265 -5.52 13.42 -0.76
N ILE A 266 -6.79 13.25 -1.15
CA ILE A 266 -7.94 13.35 -0.26
C ILE A 266 -8.78 12.10 -0.43
N TRP A 267 -8.99 11.38 0.69
CA TRP A 267 -9.78 10.16 0.77
C TRP A 267 -11.04 10.39 1.59
N ASN A 268 -12.12 9.70 1.22
CA ASN A 268 -13.27 9.57 2.11
C ASN A 268 -12.87 8.73 3.33
N LEU A 269 -13.06 9.29 4.54
CA LEU A 269 -12.61 8.57 5.73
C LEU A 269 -13.30 7.22 5.87
N GLN A 270 -14.62 7.16 5.63
CA GLN A 270 -15.33 5.92 5.87
C GLN A 270 -15.14 4.90 4.75
N THR A 271 -15.20 5.34 3.49
CA THR A 271 -15.15 4.38 2.40
C THR A 271 -13.73 4.12 1.89
N LYS A 272 -12.77 4.95 2.28
CA LYS A 272 -11.36 4.88 1.91
C LYS A 272 -11.10 5.18 0.43
N GLU A 273 -12.14 5.51 -0.35
CA GLU A 273 -11.92 5.89 -1.75
C GLU A 273 -11.26 7.26 -1.83
N ILE A 274 -10.34 7.41 -2.78
CA ILE A 274 -9.81 8.73 -3.10
C ILE A 274 -10.93 9.57 -3.69
N VAL A 275 -11.15 10.74 -3.13
CA VAL A 275 -12.15 11.65 -3.67
C VAL A 275 -11.53 12.84 -4.39
N GLN A 276 -10.25 13.15 -4.16
CA GLN A 276 -9.64 14.22 -4.94
C GLN A 276 -8.12 14.11 -4.89
N LYS A 277 -7.47 14.51 -5.99
CA LYS A 277 -6.01 14.67 -6.05
C LYS A 277 -5.71 16.09 -6.54
N LEU A 278 -4.99 16.84 -5.72
CA LEU A 278 -4.67 18.24 -6.01
C LEU A 278 -3.32 18.33 -6.69
N GLN A 279 -3.33 18.81 -7.94
CA GLN A 279 -2.15 18.91 -8.78
C GLN A 279 -1.64 20.36 -8.83
N GLY A 280 -0.33 20.50 -8.90
CA GLY A 280 0.26 21.83 -9.07
C GLY A 280 1.61 22.02 -8.42
N HIS A 281 1.91 21.25 -7.36
CA HIS A 281 3.27 21.27 -6.82
C HIS A 281 4.23 20.56 -7.77
N THR A 282 5.50 20.94 -7.68
CA THR A 282 6.52 20.40 -8.57
C THR A 282 7.57 19.60 -7.81
N ASP A 283 7.25 19.19 -6.59
CA ASP A 283 8.11 18.33 -5.80
C ASP A 283 7.25 17.66 -4.73
N VAL A 284 7.87 16.73 -4.00
CA VAL A 284 7.19 16.00 -2.93
C VAL A 284 6.42 16.98 -2.07
N VAL A 285 5.12 16.70 -1.88
CA VAL A 285 4.32 17.49 -0.96
C VAL A 285 4.58 16.95 0.44
N ILE A 286 5.55 17.54 1.12
CA ILE A 286 5.99 17.05 2.42
C ILE A 286 4.95 17.32 3.50
N SER A 287 4.11 18.34 3.33
CA SER A 287 3.26 18.71 4.46
C SER A 287 1.92 19.20 3.99
N THR A 288 0.86 18.83 4.72
CA THR A 288 -0.47 19.38 4.52
C THR A 288 -1.09 19.72 5.88
N ALA A 289 -2.01 20.68 5.85
CA ALA A 289 -2.75 21.11 7.02
C ALA A 289 -4.17 21.47 6.61
N CYS A 290 -5.11 21.22 7.51
CA CYS A 290 -6.52 21.51 7.29
C CYS A 290 -6.97 22.64 8.20
N HIS A 291 -7.63 23.64 7.62
CA HIS A 291 -8.04 24.82 8.37
C HIS A 291 -9.06 24.43 9.44
N PRO A 292 -8.98 25.02 10.65
CA PRO A 292 -9.89 24.59 11.74
C PRO A 292 -11.37 24.92 11.50
N THR A 293 -11.73 25.88 10.65
CA THR A 293 -13.16 26.23 10.51
C THR A 293 -13.65 26.27 9.07
N GLU A 294 -12.77 26.58 8.13
CA GLU A 294 -13.12 26.63 6.72
C GLU A 294 -12.55 25.43 5.98
N ASN A 295 -13.14 25.13 4.82
CA ASN A 295 -12.66 24.06 3.94
C ASN A 295 -11.48 24.59 3.13
N ILE A 296 -10.34 24.68 3.81
CA ILE A 296 -9.10 25.20 3.25
C ILE A 296 -7.99 24.21 3.58
N ILE A 297 -7.23 23.81 2.58
CA ILE A 297 -6.04 22.99 2.79
C ILE A 297 -4.83 23.86 2.46
N ALA A 298 -3.81 23.80 3.31
CA ALA A 298 -2.49 24.29 3.00
C ALA A 298 -1.58 23.11 2.69
N SER A 299 -0.79 23.22 1.64
CA SER A 299 0.15 22.17 1.26
C SER A 299 1.50 22.79 0.98
N ALA A 300 2.57 22.01 1.17
CA ALA A 300 3.92 22.53 0.97
C ALA A 300 4.84 21.42 0.50
N ALA A 301 5.88 21.83 -0.24
CA ALA A 301 6.71 20.92 -1.04
C ALA A 301 8.20 21.17 -0.83
N LEU A 302 8.99 20.21 -1.32
CA LEU A 302 10.44 20.16 -1.11
C LEU A 302 11.23 21.01 -2.12
N GLU A 303 12.54 20.74 -2.22
CA GLU A 303 13.53 21.67 -2.77
C GLU A 303 13.17 22.21 -4.14
N ASN A 304 12.68 21.36 -5.05
CA ASN A 304 12.43 21.82 -6.41
C ASN A 304 11.20 22.73 -6.52
N ASP A 305 10.45 22.89 -5.44
CA ASP A 305 9.24 23.72 -5.44
C ASP A 305 9.35 24.87 -4.45
N LYS A 306 9.51 24.58 -3.16
CA LYS A 306 9.70 25.54 -2.08
C LYS A 306 8.49 26.43 -1.82
N THR A 307 7.34 26.16 -2.42
CA THR A 307 6.17 27.00 -2.20
C THR A 307 5.13 26.31 -1.34
N ILE A 308 4.25 27.14 -0.76
CA ILE A 308 3.05 26.72 -0.06
C ILE A 308 1.86 27.08 -0.94
N LYS A 309 0.88 26.20 -1.01
CA LYS A 309 -0.35 26.47 -1.74
C LYS A 309 -1.55 26.40 -0.80
N LEU A 310 -2.51 27.31 -1.00
CA LEU A 310 -3.79 27.28 -0.29
C LEU A 310 -4.87 26.90 -1.27
N TRP A 311 -5.66 25.90 -0.91
CA TRP A 311 -6.73 25.35 -1.72
C TRP A 311 -8.03 25.51 -0.96
N LYS A 312 -9.12 25.79 -1.67
CA LYS A 312 -10.42 25.99 -1.01
C LYS A 312 -11.52 25.21 -1.71
N SER A 313 -12.44 24.70 -0.91
CA SER A 313 -13.53 23.81 -1.36
C SER A 313 -14.86 24.28 -0.78
N ASP A 314 -15.95 23.92 -1.46
CA ASP A 314 -17.30 24.20 -0.96
C ASP A 314 -17.78 23.21 0.09
N CYS A 315 -17.16 22.05 0.18
CA CYS A 315 -17.55 21.03 1.16
C CYS A 315 -16.34 20.18 1.54
N GLY B 1 20.25 21.96 5.34
CA GLY B 1 18.94 21.40 5.11
C GLY B 1 18.20 21.14 6.42
N ALA B 2 17.22 20.23 6.37
CA ALA B 2 16.49 19.79 7.55
C ALA B 2 16.22 18.29 7.45
N ALA B 3 16.28 17.60 8.60
CA ALA B 3 16.09 16.15 8.59
C ALA B 3 14.82 15.75 7.85
N ARG B 4 13.72 16.48 8.06
CA ARG B 4 12.48 16.07 7.42
C ARG B 4 12.54 16.17 5.90
N CYS B 5 13.38 17.05 5.36
CA CYS B 5 13.47 17.25 3.93
C CYS B 5 14.52 16.36 3.27
N ARG B 6 15.10 15.42 4.03
CA ARG B 6 16.06 14.46 3.51
C ARG B 6 15.49 13.06 3.66
N VAL B 7 16.04 12.12 2.89
CA VAL B 7 15.68 10.71 3.05
C VAL B 7 16.61 10.11 4.10
N ALA B 8 16.21 8.96 4.66
CA ALA B 8 17.07 8.26 5.61
C ALA B 8 18.32 7.72 4.93
N SER B 9 19.47 7.98 5.54
CA SER B 9 20.76 7.51 5.01
C SER B 9 21.22 6.24 5.71
N VAL C 12 21.96 -6.36 -7.00
CA VAL C 12 21.72 -6.99 -8.30
C VAL C 12 20.25 -6.79 -8.69
N LYS C 13 20.03 -6.23 -9.88
CA LYS C 13 18.70 -5.99 -10.43
C LYS C 13 18.57 -6.69 -11.78
N PRO C 14 17.36 -7.10 -12.16
CA PRO C 14 17.18 -7.76 -13.46
C PRO C 14 17.14 -6.73 -14.58
N ASN C 15 17.18 -7.24 -15.81
CA ASN C 15 17.14 -6.39 -17.00
C ASN C 15 16.19 -6.97 -18.03
N TYR C 16 14.99 -7.34 -17.58
CA TYR C 16 13.95 -7.86 -18.48
C TYR C 16 13.71 -6.90 -19.64
N ALA C 17 13.76 -7.45 -20.85
CA ALA C 17 13.57 -6.70 -22.07
C ALA C 17 12.55 -7.43 -22.93
N LEU C 18 11.73 -6.65 -23.64
CA LEU C 18 10.68 -7.21 -24.46
C LEU C 18 11.28 -8.01 -25.61
N LYS C 19 10.83 -9.26 -25.79
CA LYS C 19 11.26 -10.11 -26.90
C LYS C 19 10.15 -10.41 -27.88
N PHE C 20 8.91 -10.58 -27.42
CA PHE C 20 7.79 -10.93 -28.30
C PHE C 20 6.51 -10.30 -27.79
N THR C 21 5.63 -9.93 -28.71
CA THR C 21 4.25 -9.59 -28.40
C THR C 21 3.35 -10.56 -29.15
N LEU C 22 2.44 -11.21 -28.43
CA LEU C 22 1.61 -12.26 -29.01
C LEU C 22 0.19 -11.73 -29.14
N ALA C 23 -0.23 -11.46 -30.36
CA ALA C 23 -1.59 -11.03 -30.64
C ALA C 23 -2.42 -12.20 -31.17
N GLY C 24 -3.73 -12.09 -31.01
CA GLY C 24 -4.64 -13.07 -31.57
C GLY C 24 -5.92 -13.28 -30.78
N HIS C 25 -5.89 -13.04 -29.47
CA HIS C 25 -7.13 -13.03 -28.71
C HIS C 25 -7.96 -11.80 -29.11
N THR C 26 -9.29 -11.98 -29.17
CA THR C 26 -10.18 -10.91 -29.64
C THR C 26 -10.91 -10.20 -28.49
N LYS C 27 -10.66 -10.62 -27.25
CA LYS C 27 -11.08 -9.89 -26.07
C LYS C 27 -9.94 -9.92 -25.06
N ALA C 28 -10.17 -9.26 -23.92
CA ALA C 28 -9.19 -9.26 -22.83
C ALA C 28 -8.62 -10.65 -22.59
N VAL C 29 -7.30 -10.70 -22.34
CA VAL C 29 -6.72 -11.93 -21.81
C VAL C 29 -6.99 -11.99 -20.32
N SER C 30 -7.14 -13.20 -19.80
CA SER C 30 -7.37 -13.40 -18.36
C SER C 30 -6.18 -14.04 -17.64
N SER C 31 -5.43 -14.94 -18.29
CA SER C 31 -4.32 -15.53 -17.56
C SER C 31 -3.37 -16.24 -18.53
N VAL C 32 -2.09 -16.26 -18.16
CA VAL C 32 -1.06 -16.98 -18.92
C VAL C 32 -0.29 -17.88 -17.96
N LYS C 33 0.03 -19.09 -18.42
CA LYS C 33 0.76 -20.07 -17.63
C LYS C 33 1.76 -20.79 -18.53
N PHE C 34 3.01 -20.89 -18.08
CA PHE C 34 4.01 -21.70 -18.78
C PHE C 34 3.80 -23.17 -18.47
N SER C 35 3.97 -24.02 -19.49
CA SER C 35 3.97 -25.45 -19.24
C SER C 35 5.16 -25.80 -18.35
N PRO C 36 5.00 -26.77 -17.43
CA PRO C 36 6.13 -27.14 -16.56
C PRO C 36 7.38 -27.53 -17.32
N ASN C 37 7.26 -28.11 -18.50
CA ASN C 37 8.42 -28.49 -19.29
C ASN C 37 9.05 -27.31 -20.04
N GLY C 38 8.50 -26.10 -19.90
CA GLY C 38 9.12 -24.90 -20.42
C GLY C 38 8.89 -24.64 -21.90
N GLU C 39 8.20 -25.53 -22.60
CA GLU C 39 8.09 -25.42 -24.04
C GLU C 39 6.99 -24.46 -24.48
N TRP C 40 5.92 -24.35 -23.69
CA TRP C 40 4.70 -23.70 -24.13
C TRP C 40 4.25 -22.65 -23.11
N LEU C 41 3.50 -21.69 -23.64
CA LEU C 41 2.70 -20.76 -22.87
C LEU C 41 1.24 -20.99 -23.25
N ALA C 42 0.39 -21.15 -22.26
CA ALA C 42 -1.06 -21.21 -22.47
C ALA C 42 -1.67 -19.89 -22.04
N SER C 43 -2.60 -19.37 -22.83
CA SER C 43 -3.35 -18.19 -22.47
C SER C 43 -4.84 -18.48 -22.52
N SER C 44 -5.59 -17.90 -21.58
CA SER C 44 -7.05 -17.95 -21.59
C SER C 44 -7.57 -16.53 -21.75
N SER C 45 -8.80 -16.41 -22.27
CA SER C 45 -9.31 -15.09 -22.61
C SER C 45 -10.83 -15.00 -22.43
N ALA C 46 -11.30 -13.75 -22.23
CA ALA C 46 -12.73 -13.47 -22.25
C ALA C 46 -13.38 -13.87 -23.58
N ASP C 47 -12.58 -14.07 -24.64
CA ASP C 47 -13.12 -14.47 -25.93
C ASP C 47 -13.48 -15.95 -26.02
N LYS C 48 -13.47 -16.68 -24.89
CA LYS C 48 -13.84 -18.10 -24.76
C LYS C 48 -12.76 -19.07 -25.22
N LEU C 49 -11.58 -18.60 -25.60
CA LEU C 49 -10.58 -19.48 -26.20
C LEU C 49 -9.36 -19.63 -25.30
N ILE C 50 -8.72 -20.79 -25.43
CA ILE C 50 -7.36 -21.00 -24.94
C ILE C 50 -6.42 -21.00 -26.14
N LYS C 51 -5.28 -20.36 -25.99
CA LYS C 51 -4.28 -20.39 -27.05
C LYS C 51 -2.97 -20.95 -26.50
N ILE C 52 -2.29 -21.72 -27.35
CA ILE C 52 -1.00 -22.31 -27.05
C ILE C 52 0.01 -21.62 -27.93
N TRP C 53 1.11 -21.16 -27.32
CA TRP C 53 2.20 -20.43 -27.96
C TRP C 53 3.54 -21.06 -27.59
N GLY C 54 4.49 -21.00 -28.50
CA GLY C 54 5.86 -21.41 -28.18
C GLY C 54 6.51 -20.46 -27.20
N ALA C 55 7.06 -21.01 -26.11
CA ALA C 55 7.60 -20.15 -25.05
C ALA C 55 8.88 -19.43 -25.49
N TYR C 56 9.65 -19.99 -26.42
CA TYR C 56 10.94 -19.44 -26.79
C TYR C 56 10.91 -18.64 -28.09
N ASP C 57 9.95 -18.91 -28.97
CA ASP C 57 9.84 -18.24 -30.26
C ASP C 57 8.57 -17.41 -30.42
N GLY C 58 7.68 -17.42 -29.43
CA GLY C 58 6.45 -16.66 -29.50
C GLY C 58 5.47 -17.12 -30.55
N LYS C 59 5.74 -18.25 -31.21
CA LYS C 59 4.91 -18.72 -32.31
C LYS C 59 3.55 -19.16 -31.82
N PHE C 60 2.48 -18.65 -32.44
CA PHE C 60 1.17 -19.23 -32.19
C PHE C 60 1.20 -20.71 -32.57
N GLU C 61 0.71 -21.55 -31.67
CA GLU C 61 0.67 -22.97 -31.96
C GLU C 61 -0.74 -23.45 -32.24
N LYS C 62 -1.67 -23.19 -31.35
CA LYS C 62 -3.03 -23.66 -31.63
C LYS C 62 -4.05 -22.93 -30.77
N THR C 63 -5.31 -23.05 -31.20
CA THR C 63 -6.47 -22.58 -30.48
C THR C 63 -7.26 -23.78 -29.97
N ILE C 64 -7.67 -23.72 -28.71
CA ILE C 64 -8.48 -24.74 -28.06
C ILE C 64 -9.79 -24.09 -27.64
N SER C 65 -10.90 -24.66 -28.11
CA SER C 65 -12.22 -24.05 -27.95
C SER C 65 -13.25 -25.06 -27.48
N GLY C 66 -14.36 -24.54 -26.96
CA GLY C 66 -15.47 -25.35 -26.49
C GLY C 66 -16.26 -24.76 -25.34
N HIS C 67 -15.65 -23.92 -24.50
CA HIS C 67 -16.44 -23.19 -23.52
C HIS C 67 -17.44 -22.29 -24.23
N LYS C 68 -18.62 -22.15 -23.62
CA LYS C 68 -19.68 -21.32 -24.17
C LYS C 68 -19.56 -19.86 -23.76
N LEU C 69 -18.74 -19.55 -22.76
CA LEU C 69 -18.53 -18.18 -22.31
C LEU C 69 -17.04 -18.00 -22.02
N GLY C 70 -16.65 -16.79 -21.63
CA GLY C 70 -15.25 -16.47 -21.43
C GLY C 70 -14.60 -17.30 -20.34
N ILE C 71 -13.26 -17.29 -20.34
CA ILE C 71 -12.44 -18.07 -19.42
C ILE C 71 -11.62 -17.13 -18.54
N SER C 72 -11.63 -17.38 -17.22
CA SER C 72 -10.88 -16.56 -16.27
C SER C 72 -9.53 -17.15 -15.85
N ASP C 73 -9.27 -18.44 -16.10
CA ASP C 73 -8.05 -19.06 -15.60
C ASP C 73 -7.78 -20.33 -16.38
N VAL C 74 -6.52 -20.75 -16.38
CA VAL C 74 -6.11 -21.98 -17.05
C VAL C 74 -4.88 -22.52 -16.31
N ALA C 75 -4.74 -23.85 -16.25
CA ALA C 75 -3.61 -24.42 -15.52
C ALA C 75 -3.17 -25.74 -16.14
N TRP C 76 -1.86 -25.98 -16.08
CA TRP C 76 -1.22 -27.17 -16.67
C TRP C 76 -1.09 -28.30 -15.65
N SER C 77 -1.17 -29.55 -16.13
CA SER C 77 -0.78 -30.69 -15.30
C SER C 77 0.76 -30.81 -15.25
N SER C 78 1.24 -31.57 -14.25
CA SER C 78 2.67 -31.61 -13.99
CA SER C 78 2.68 -31.63 -13.98
C SER C 78 3.48 -32.17 -15.17
N ASP C 79 2.93 -33.13 -15.91
CA ASP C 79 3.61 -33.70 -17.07
C ASP C 79 3.34 -32.89 -18.35
N SER C 80 2.68 -31.73 -18.22
CA SER C 80 2.44 -30.78 -19.32
C SER C 80 1.45 -31.30 -20.35
N ASN C 81 0.79 -32.42 -20.11
CA ASN C 81 -0.06 -33.01 -21.14
C ASN C 81 -1.49 -32.48 -21.12
N LEU C 82 -1.98 -32.03 -19.97
CA LEU C 82 -3.35 -31.57 -19.87
C LEU C 82 -3.41 -30.12 -19.39
N LEU C 83 -4.51 -29.46 -19.74
CA LEU C 83 -4.89 -28.17 -19.16
C LEU C 83 -6.24 -28.31 -18.49
N VAL C 84 -6.48 -27.43 -17.52
CA VAL C 84 -7.81 -27.22 -16.98
C VAL C 84 -8.10 -25.73 -17.07
N SER C 85 -9.33 -25.40 -17.46
CA SER C 85 -9.80 -24.03 -17.62
C SER C 85 -11.05 -23.80 -16.77
N ALA C 86 -11.23 -22.56 -16.32
CA ALA C 86 -12.36 -22.14 -15.49
C ALA C 86 -13.13 -21.04 -16.21
N SER C 87 -14.44 -21.23 -16.37
CA SER C 87 -15.21 -20.42 -17.30
C SER C 87 -16.42 -19.81 -16.62
N ASP C 88 -16.87 -18.68 -17.21
CA ASP C 88 -18.13 -18.07 -16.83
C ASP C 88 -19.33 -18.96 -17.14
N ASP C 89 -19.17 -19.99 -17.99
CA ASP C 89 -20.26 -20.92 -18.28
C ASP C 89 -20.52 -21.91 -17.11
N LYS C 90 -19.87 -21.65 -15.98
CA LYS C 90 -20.04 -22.33 -14.70
C LYS C 90 -19.33 -23.68 -14.69
N THR C 91 -18.55 -24.02 -15.71
CA THR C 91 -17.85 -25.29 -15.74
C THR C 91 -16.35 -25.09 -15.69
N LEU C 92 -15.64 -26.19 -15.40
CA LEU C 92 -14.25 -26.30 -15.79
C LEU C 92 -14.16 -27.31 -16.92
N LYS C 93 -13.13 -27.18 -17.75
CA LYS C 93 -12.88 -28.19 -18.76
C LYS C 93 -11.45 -28.71 -18.64
N ILE C 94 -11.31 -30.03 -18.76
CA ILE C 94 -10.02 -30.71 -18.83
C ILE C 94 -9.75 -31.03 -20.28
N TRP C 95 -8.58 -30.59 -20.78
CA TRP C 95 -8.16 -30.65 -22.17
C TRP C 95 -6.89 -31.45 -22.35
N ASP C 96 -6.87 -32.28 -23.41
CA ASP C 96 -5.65 -32.87 -23.94
C ASP C 96 -4.95 -31.82 -24.81
N VAL C 97 -3.73 -31.41 -24.42
CA VAL C 97 -3.09 -30.30 -25.11
C VAL C 97 -2.71 -30.70 -26.53
N SER C 98 -2.16 -31.91 -26.72
CA SER C 98 -1.70 -32.29 -28.05
C SER C 98 -2.86 -32.37 -29.04
N SER C 99 -4.03 -32.83 -28.59
CA SER C 99 -5.16 -33.02 -29.47
C SER C 99 -6.17 -31.87 -29.47
N GLY C 100 -6.16 -31.01 -28.46
CA GLY C 100 -7.13 -29.94 -28.35
C GLY C 100 -8.51 -30.40 -27.92
N LYS C 101 -8.68 -31.69 -27.62
CA LYS C 101 -9.99 -32.25 -27.31
C LYS C 101 -10.32 -32.02 -25.84
N CYS C 102 -11.58 -31.70 -25.59
CA CYS C 102 -12.10 -31.63 -24.23
C CYS C 102 -12.31 -33.04 -23.71
N LEU C 103 -11.48 -33.44 -22.74
CA LEU C 103 -11.62 -34.78 -22.15
C LEU C 103 -12.74 -34.80 -21.12
N LYS C 104 -12.88 -33.72 -20.35
CA LYS C 104 -13.90 -33.75 -19.30
C LYS C 104 -14.49 -32.36 -19.11
N THR C 105 -15.79 -32.30 -18.81
CA THR C 105 -16.41 -31.06 -18.35
C THR C 105 -16.83 -31.27 -16.91
N LEU C 106 -16.32 -30.41 -16.02
CA LEU C 106 -16.58 -30.50 -14.58
C LEU C 106 -17.71 -29.54 -14.24
N LYS C 107 -18.86 -30.12 -13.89
CA LYS C 107 -20.08 -29.38 -13.63
C LYS C 107 -20.45 -29.51 -12.16
N GLY C 108 -21.02 -28.43 -11.63
CA GLY C 108 -21.45 -28.39 -10.24
C GLY C 108 -21.35 -27.01 -9.61
N HIS C 109 -20.41 -26.18 -10.06
CA HIS C 109 -20.45 -24.79 -9.63
C HIS C 109 -21.72 -24.14 -10.13
N SER C 110 -22.29 -23.26 -9.32
CA SER C 110 -23.54 -22.58 -9.64
C SER C 110 -23.34 -21.15 -10.12
N ASN C 111 -22.09 -20.72 -10.30
CA ASN C 111 -21.80 -19.39 -10.84
C ASN C 111 -20.43 -19.45 -11.52
N TYR C 112 -19.98 -18.31 -12.02
CA TYR C 112 -18.72 -18.25 -12.75
C TYR C 112 -17.63 -19.01 -11.98
N VAL C 113 -16.84 -19.81 -12.70
CA VAL C 113 -15.64 -20.42 -12.16
C VAL C 113 -14.47 -19.51 -12.47
N PHE C 114 -13.68 -19.19 -11.46
CA PHE C 114 -12.73 -18.08 -11.49
C PHE C 114 -11.27 -18.53 -11.56
N CYS C 115 -10.94 -19.60 -10.85
CA CYS C 115 -9.55 -19.99 -10.64
C CYS C 115 -9.48 -21.51 -10.53
N CYS C 116 -8.33 -22.06 -10.96
CA CYS C 116 -8.19 -23.51 -10.98
C CYS C 116 -6.72 -23.89 -10.94
N ASN C 117 -6.47 -25.13 -10.55
CA ASN C 117 -5.12 -25.66 -10.45
C ASN C 117 -5.16 -27.17 -10.31
N PHE C 118 -4.15 -27.84 -10.89
CA PHE C 118 -3.87 -29.23 -10.59
C PHE C 118 -3.05 -29.33 -9.31
N ASN C 119 -3.18 -30.45 -8.60
CA ASN C 119 -2.18 -30.74 -7.57
C ASN C 119 -0.91 -31.30 -8.23
N PRO C 120 0.23 -31.33 -7.51
CA PRO C 120 1.46 -31.83 -8.17
C PRO C 120 1.33 -33.25 -8.69
N GLN C 121 0.64 -34.12 -7.95
CA GLN C 121 0.37 -35.48 -8.42
C GLN C 121 -0.48 -35.43 -9.70
N SER C 122 -1.29 -34.38 -9.84
CA SER C 122 -2.15 -34.16 -11.00
C SER C 122 -3.25 -35.21 -11.13
N ASN C 123 -3.63 -35.84 -10.01
CA ASN C 123 -4.86 -36.62 -9.95
C ASN C 123 -6.05 -35.79 -9.44
N LEU C 124 -5.80 -34.57 -8.94
CA LEU C 124 -6.84 -33.69 -8.44
C LEU C 124 -6.80 -32.33 -9.11
N ILE C 125 -7.97 -31.71 -9.20
CA ILE C 125 -8.11 -30.31 -9.59
C ILE C 125 -8.83 -29.58 -8.47
N VAL C 126 -8.38 -28.37 -8.15
CA VAL C 126 -9.07 -27.49 -7.22
C VAL C 126 -9.61 -26.28 -7.99
N SER C 127 -10.83 -25.86 -7.62
CA SER C 127 -11.45 -24.73 -8.31
C SER C 127 -12.07 -23.77 -7.29
N GLY C 128 -12.14 -22.50 -7.67
CA GLY C 128 -12.86 -21.51 -6.89
C GLY C 128 -13.82 -20.74 -7.77
N SER C 129 -14.94 -20.34 -7.19
CA SER C 129 -16.04 -19.83 -8.01
C SER C 129 -16.68 -18.61 -7.38
N PHE C 130 -17.42 -17.87 -8.21
CA PHE C 130 -18.29 -16.82 -7.71
C PHE C 130 -19.36 -17.37 -6.77
N ASP C 131 -19.63 -18.68 -6.80
CA ASP C 131 -20.62 -19.25 -5.90
C ASP C 131 -20.09 -19.41 -4.48
N GLU C 132 -18.87 -18.95 -4.20
CA GLU C 132 -18.27 -18.84 -2.87
C GLU C 132 -17.73 -20.17 -2.35
N SER C 133 -17.77 -21.23 -3.16
CA SER C 133 -17.26 -22.53 -2.79
C SER C 133 -15.88 -22.77 -3.37
N VAL C 134 -15.16 -23.71 -2.75
CA VAL C 134 -13.98 -24.33 -3.35
C VAL C 134 -14.36 -25.77 -3.66
N ARG C 135 -14.04 -26.24 -4.85
CA ARG C 135 -14.37 -27.62 -5.18
C ARG C 135 -13.10 -28.41 -5.45
N ILE C 136 -13.11 -29.68 -5.08
CA ILE C 136 -12.02 -30.61 -5.37
C ILE C 136 -12.57 -31.71 -6.26
N TRP C 137 -11.93 -31.91 -7.43
CA TRP C 137 -12.38 -32.78 -8.49
C TRP C 137 -11.36 -33.87 -8.76
N ASP C 138 -11.86 -35.07 -9.05
CA ASP C 138 -11.05 -36.18 -9.51
C ASP C 138 -10.77 -36.02 -11.00
N VAL C 139 -9.50 -35.96 -11.37
CA VAL C 139 -9.14 -35.73 -12.77
C VAL C 139 -9.64 -36.88 -13.64
N LYS C 140 -9.48 -38.13 -13.18
CA LYS C 140 -9.76 -39.28 -14.03
C LYS C 140 -11.24 -39.43 -14.32
N THR C 141 -12.08 -39.29 -13.30
CA THR C 141 -13.52 -39.48 -13.47
C THR C 141 -14.27 -38.18 -13.73
N GLY C 142 -13.66 -37.03 -13.43
CA GLY C 142 -14.35 -35.77 -13.53
C GLY C 142 -15.36 -35.52 -12.42
N LYS C 143 -15.44 -36.40 -11.43
CA LYS C 143 -16.42 -36.25 -10.36
C LYS C 143 -15.92 -35.23 -9.34
N CYS C 144 -16.86 -34.47 -8.78
CA CYS C 144 -16.51 -33.56 -7.69
C CYS C 144 -16.40 -34.38 -6.42
N LEU C 145 -15.21 -34.38 -5.83
CA LEU C 145 -14.97 -35.16 -4.61
C LEU C 145 -15.38 -34.40 -3.36
N LYS C 146 -15.20 -33.07 -3.35
CA LYS C 146 -15.58 -32.31 -2.17
C LYS C 146 -16.05 -30.92 -2.58
N THR C 147 -17.00 -30.38 -1.83
CA THR C 147 -17.39 -28.98 -1.95
C THR C 147 -17.18 -28.32 -0.59
N LEU C 148 -16.22 -27.41 -0.53
CA LEU C 148 -15.89 -26.69 0.68
C LEU C 148 -16.67 -25.38 0.71
N PRO C 149 -17.47 -25.14 1.73
CA PRO C 149 -18.10 -23.83 1.92
C PRO C 149 -17.07 -22.84 2.40
N ALA C 150 -16.20 -22.43 1.48
CA ALA C 150 -14.92 -21.83 1.82
C ALA C 150 -15.02 -20.37 2.21
N HIS C 151 -15.93 -19.61 1.63
CA HIS C 151 -15.89 -18.16 1.74
C HIS C 151 -17.32 -17.63 1.63
N SER C 152 -17.49 -16.33 1.91
CA SER C 152 -18.79 -15.68 1.83
C SER C 152 -18.90 -14.73 0.66
N ASP C 153 -17.95 -14.80 -0.26
CA ASP C 153 -17.87 -13.95 -1.45
C ASP C 153 -17.09 -14.72 -2.49
N PRO C 154 -17.02 -14.22 -3.73
CA PRO C 154 -16.26 -14.93 -4.77
C PRO C 154 -14.87 -15.33 -4.31
N VAL C 155 -14.46 -16.53 -4.71
CA VAL C 155 -13.14 -17.09 -4.43
C VAL C 155 -12.19 -16.67 -5.54
N SER C 156 -11.20 -15.85 -5.21
CA SER C 156 -10.33 -15.26 -6.22
C SER C 156 -9.18 -16.17 -6.67
N ALA C 157 -8.70 -17.08 -5.81
CA ALA C 157 -7.58 -17.94 -6.18
C ALA C 157 -7.63 -19.23 -5.37
N VAL C 158 -7.05 -20.29 -5.95
CA VAL C 158 -6.87 -21.58 -5.27
C VAL C 158 -5.53 -22.17 -5.73
N HIS C 159 -4.78 -22.72 -4.79
CA HIS C 159 -3.44 -23.23 -5.11
C HIS C 159 -3.10 -24.38 -4.17
N PHE C 160 -2.59 -25.48 -4.71
CA PHE C 160 -2.04 -26.56 -3.90
C PHE C 160 -0.61 -26.23 -3.49
N ASN C 161 -0.19 -26.72 -2.32
CA ASN C 161 1.21 -26.63 -1.91
C ASN C 161 2.03 -27.73 -2.59
N ARG C 162 3.34 -27.76 -2.28
CA ARG C 162 4.28 -28.57 -3.06
C ARG C 162 4.00 -30.07 -2.95
N ASP C 163 3.42 -30.54 -1.85
CA ASP C 163 3.15 -31.97 -1.76
C ASP C 163 1.68 -32.28 -1.95
N GLY C 164 0.86 -31.27 -2.23
CA GLY C 164 -0.55 -31.46 -2.48
C GLY C 164 -1.40 -31.62 -1.24
N SER C 165 -0.79 -31.70 -0.05
CA SER C 165 -1.52 -31.89 1.21
C SER C 165 -2.37 -30.67 1.59
N LEU C 166 -2.02 -29.47 1.10
CA LEU C 166 -2.72 -28.24 1.47
C LEU C 166 -3.26 -27.53 0.24
N ILE C 167 -4.36 -26.80 0.45
CA ILE C 167 -4.91 -25.86 -0.52
C ILE C 167 -4.97 -24.50 0.16
N VAL C 168 -4.59 -23.46 -0.56
CA VAL C 168 -4.79 -22.11 -0.07
C VAL C 168 -5.85 -21.47 -0.96
N SER C 169 -6.78 -20.77 -0.32
CA SER C 169 -7.85 -20.07 -1.03
C SER C 169 -7.88 -18.62 -0.57
N SER C 170 -8.32 -17.75 -1.47
CA SER C 170 -8.49 -16.34 -1.19
C SER C 170 -9.87 -15.91 -1.69
N SER C 171 -10.39 -14.82 -1.13
CA SER C 171 -11.74 -14.41 -1.48
C SER C 171 -11.94 -12.92 -1.26
N TYR C 172 -12.93 -12.38 -1.98
CA TYR C 172 -13.38 -11.01 -1.73
C TYR C 172 -13.92 -10.84 -0.32
N ASP C 173 -14.17 -11.92 0.43
CA ASP C 173 -14.61 -11.70 1.81
C ASP C 173 -13.48 -11.24 2.71
N GLY C 174 -12.26 -11.05 2.20
CA GLY C 174 -11.16 -10.58 2.99
C GLY C 174 -10.36 -11.66 3.68
N LEU C 175 -10.61 -12.93 3.38
CA LEU C 175 -9.97 -14.03 4.09
C LEU C 175 -9.02 -14.77 3.17
N CYS C 176 -7.90 -15.25 3.74
CA CYS C 176 -7.13 -16.35 3.15
C CYS C 176 -7.32 -17.59 4.01
N ARG C 177 -7.53 -18.72 3.39
CA ARG C 177 -7.73 -19.93 4.16
C ARG C 177 -6.83 -21.04 3.66
N ILE C 178 -6.30 -21.81 4.62
CA ILE C 178 -5.54 -23.02 4.35
C ILE C 178 -6.42 -24.21 4.69
N TRP C 179 -6.53 -25.15 3.74
CA TRP C 179 -7.36 -26.34 3.80
C TRP C 179 -6.52 -27.61 3.70
N ASP C 180 -6.86 -28.60 4.51
CA ASP C 180 -6.31 -29.94 4.36
C ASP C 180 -7.01 -30.63 3.18
N THR C 181 -6.23 -31.01 2.16
CA THR C 181 -6.80 -31.60 0.95
C THR C 181 -7.58 -32.88 1.27
N ALA C 182 -6.99 -33.75 2.08
CA ALA C 182 -7.57 -35.07 2.31
C ALA C 182 -8.86 -34.97 3.12
N SER C 183 -8.87 -34.13 4.16
CA SER C 183 -10.01 -34.07 5.07
C SER C 183 -11.02 -32.99 4.69
N GLY C 184 -10.62 -31.99 3.91
CA GLY C 184 -11.49 -30.89 3.57
C GLY C 184 -11.70 -29.86 4.67
N GLN C 185 -11.03 -30.00 5.81
CA GLN C 185 -11.23 -29.09 6.91
C GLN C 185 -10.30 -27.88 6.79
N CYS C 186 -10.76 -26.75 7.30
CA CYS C 186 -9.95 -25.54 7.30
C CYS C 186 -8.91 -25.64 8.41
N LEU C 187 -7.64 -25.58 8.03
CA LEU C 187 -6.56 -25.59 9.01
C LEU C 187 -6.23 -24.21 9.53
N LYS C 188 -6.37 -23.17 8.72
CA LYS C 188 -6.00 -21.82 9.16
C LYS C 188 -6.80 -20.77 8.40
N THR C 189 -7.20 -19.72 9.10
CA THR C 189 -7.75 -18.51 8.48
C THR C 189 -6.82 -17.35 8.76
N LEU C 190 -6.31 -16.72 7.72
CA LEU C 190 -5.56 -15.48 7.82
C LEU C 190 -6.50 -14.30 7.58
N ILE C 191 -6.60 -13.44 8.60
CA ILE C 191 -7.28 -12.15 8.55
C ILE C 191 -6.22 -11.07 8.80
N ASP C 192 -6.44 -9.88 8.22
CA ASP C 192 -5.43 -8.83 8.28
C ASP C 192 -6.07 -7.45 8.20
N ASP C 193 -5.76 -6.60 9.18
CA ASP C 193 -6.22 -5.20 9.20
C ASP C 193 -7.72 -5.05 8.97
N ASN C 195 -10.01 -5.69 6.71
CA ASN C 195 -10.10 -6.97 5.97
C ASN C 195 -10.45 -6.73 4.48
N PRO C 196 -9.54 -6.09 3.74
CA PRO C 196 -9.81 -5.81 2.34
C PRO C 196 -9.92 -7.09 1.53
N PRO C 197 -10.65 -7.05 0.41
CA PRO C 197 -10.77 -8.23 -0.45
C PRO C 197 -9.41 -8.82 -0.80
N VAL C 198 -9.30 -10.14 -0.69
CA VAL C 198 -8.07 -10.83 -1.08
C VAL C 198 -8.26 -11.29 -2.53
N SER C 199 -7.45 -10.74 -3.42
CA SER C 199 -7.64 -10.92 -4.86
C SER C 199 -6.73 -11.99 -5.45
N PHE C 200 -5.74 -12.47 -4.70
CA PHE C 200 -4.87 -13.51 -5.24
C PHE C 200 -4.09 -14.12 -4.08
N VAL C 201 -3.78 -15.41 -4.22
CA VAL C 201 -2.91 -16.08 -3.26
C VAL C 201 -2.24 -17.26 -3.95
N LYS C 202 -1.03 -17.58 -3.52
CA LYS C 202 -0.38 -18.82 -3.89
C LYS C 202 0.70 -19.13 -2.86
N PHE C 203 1.06 -20.41 -2.77
CA PHE C 203 2.19 -20.82 -1.94
C PHE C 203 3.52 -20.45 -2.57
N SER C 204 4.54 -20.29 -1.72
CA SER C 204 5.92 -20.22 -2.20
C SER C 204 6.34 -21.58 -2.75
N PRO C 205 7.39 -21.63 -3.56
CA PRO C 205 7.85 -22.94 -4.11
C PRO C 205 8.17 -23.98 -3.05
N ASN C 206 8.68 -23.58 -1.89
CA ASN C 206 8.95 -24.53 -0.82
C ASN C 206 7.72 -24.82 0.04
N GLY C 207 6.62 -24.13 -0.21
CA GLY C 207 5.39 -24.38 0.51
C GLY C 207 5.33 -23.74 1.86
N LYS C 208 6.34 -22.98 2.26
CA LYS C 208 6.24 -22.51 3.64
C LYS C 208 5.71 -21.10 3.78
N TYR C 209 5.63 -20.34 2.69
CA TYR C 209 5.03 -19.02 2.73
C TYR C 209 3.84 -19.00 1.77
N ILE C 210 2.98 -18.01 1.96
CA ILE C 210 1.97 -17.68 0.97
C ILE C 210 2.12 -16.21 0.60
N LEU C 211 2.03 -15.93 -0.69
CA LEU C 211 1.99 -14.58 -1.22
C LEU C 211 0.53 -14.20 -1.49
N ALA C 212 0.05 -13.13 -0.85
CA ALA C 212 -1.35 -12.75 -0.94
C ALA C 212 -1.46 -11.30 -1.40
N ALA C 213 -2.29 -11.07 -2.43
CA ALA C 213 -2.62 -9.72 -2.89
C ALA C 213 -3.94 -9.28 -2.27
N THR C 214 -3.99 -8.01 -1.85
CA THR C 214 -5.21 -7.37 -1.40
C THR C 214 -5.42 -6.07 -2.18
N LEU C 215 -6.71 -5.70 -2.29
CA LEU C 215 -7.21 -4.64 -3.19
C LEU C 215 -7.08 -3.28 -2.51
N ASP C 216 -6.09 -3.18 -1.64
CA ASP C 216 -5.56 -1.92 -1.13
C ASP C 216 -4.14 -1.74 -1.64
N ASN C 217 -3.93 -2.14 -2.90
CA ASN C 217 -2.66 -1.96 -3.59
C ASN C 217 -1.51 -2.65 -2.87
N THR C 218 -1.75 -3.84 -2.30
CA THR C 218 -0.70 -4.41 -1.46
C THR C 218 -0.52 -5.90 -1.72
N LEU C 219 0.74 -6.36 -1.79
CA LEU C 219 1.09 -7.77 -1.69
C LEU C 219 1.79 -8.03 -0.35
N LYS C 220 1.53 -9.20 0.24
CA LYS C 220 2.17 -9.57 1.50
C LYS C 220 2.63 -11.02 1.45
N LEU C 221 3.85 -11.24 1.93
CA LEU C 221 4.41 -12.57 2.12
C LEU C 221 4.22 -12.98 3.57
N TRP C 222 3.49 -14.09 3.77
CA TRP C 222 3.04 -14.59 5.06
C TRP C 222 3.68 -15.93 5.40
N ASP C 223 4.17 -16.06 6.62
CA ASP C 223 4.35 -17.38 7.24
C ASP C 223 3.00 -17.80 7.80
N TYR C 224 2.28 -18.66 7.08
CA TYR C 224 0.89 -18.94 7.46
C TYR C 224 0.80 -19.84 8.70
N SER C 225 1.78 -20.73 8.91
CA SER C 225 1.83 -21.48 10.16
C SER C 225 1.85 -20.52 11.35
N LYS C 226 2.76 -19.55 11.32
CA LYS C 226 2.90 -18.60 12.41
C LYS C 226 1.93 -17.45 12.27
N GLY C 227 1.26 -17.31 11.13
CA GLY C 227 0.35 -16.19 10.95
C GLY C 227 1.04 -14.85 10.98
N LYS C 228 2.28 -14.77 10.48
CA LYS C 228 3.04 -13.55 10.57
C LYS C 228 3.33 -13.06 9.16
N CYS C 229 3.06 -11.79 8.95
CA CYS C 229 3.42 -11.13 7.71
C CYS C 229 4.92 -10.84 7.75
N LEU C 230 5.66 -11.48 6.84
CA LEU C 230 7.10 -11.33 6.74
C LEU C 230 7.50 -10.16 5.85
N LYS C 231 6.78 -9.95 4.73
CA LYS C 231 7.17 -8.88 3.81
C LYS C 231 5.92 -8.23 3.21
N THR C 232 6.04 -6.95 2.85
CA THR C 232 5.01 -6.32 2.03
C THR C 232 5.62 -5.68 0.80
N TYR C 233 4.89 -5.74 -0.31
CA TYR C 233 5.31 -5.18 -1.58
C TYR C 233 4.24 -4.21 -2.06
N THR C 234 4.64 -2.95 -2.27
CA THR C 234 3.74 -1.84 -2.58
C THR C 234 4.39 -0.95 -3.62
N GLY C 235 3.62 0.04 -4.07
CA GLY C 235 4.04 0.93 -5.14
C GLY C 235 3.31 0.67 -6.45
N HIS C 236 2.70 -0.50 -6.60
CA HIS C 236 1.92 -0.82 -7.79
C HIS C 236 0.47 -0.40 -7.53
N LYS C 237 -0.38 -0.54 -8.55
CA LYS C 237 -1.79 -0.22 -8.43
C LYS C 237 -2.57 -1.53 -8.52
N ASN C 238 -3.32 -1.85 -7.46
CA ASN C 238 -4.17 -3.04 -7.48
C ASN C 238 -5.33 -2.76 -6.53
N GLU C 239 -6.43 -2.23 -7.08
CA GLU C 239 -7.65 -1.96 -6.34
C GLU C 239 -8.88 -2.64 -6.91
N LYS C 240 -8.80 -3.21 -8.09
CA LYS C 240 -9.98 -3.53 -8.87
C LYS C 240 -10.01 -4.98 -9.37
N TYR C 241 -8.87 -5.53 -9.78
CA TYR C 241 -8.83 -6.80 -10.49
C TYR C 241 -8.03 -7.84 -9.71
N CYS C 242 -8.34 -9.11 -9.96
CA CYS C 242 -7.61 -10.22 -9.36
C CYS C 242 -6.40 -10.53 -10.23
N ILE C 243 -5.26 -9.94 -9.87
CA ILE C 243 -4.03 -9.99 -10.65
C ILE C 243 -3.11 -11.08 -10.12
N PHE C 244 -2.62 -11.93 -11.00
CA PHE C 244 -1.68 -12.98 -10.59
C PHE C 244 -0.37 -12.37 -10.10
N ALA C 245 0.22 -12.98 -9.08
CA ALA C 245 1.58 -12.66 -8.68
C ALA C 245 2.40 -13.95 -8.64
N ASN C 246 3.73 -13.80 -8.66
CA ASN C 246 4.64 -14.93 -8.81
C ASN C 246 5.92 -14.74 -8.03
N PHE C 247 6.52 -15.88 -7.68
CA PHE C 247 7.92 -15.98 -7.28
C PHE C 247 8.76 -16.26 -8.51
N SER C 248 9.74 -15.39 -8.77
CA SER C 248 10.75 -15.62 -9.78
C SER C 248 11.98 -16.19 -9.09
N VAL C 249 12.39 -17.39 -9.51
CA VAL C 249 13.42 -18.16 -8.81
C VAL C 249 14.52 -18.66 -9.73
N THR C 250 14.44 -18.43 -11.05
CA THR C 250 15.47 -18.97 -11.93
C THR C 250 16.78 -18.17 -11.87
N GLY C 251 16.69 -16.87 -11.57
CA GLY C 251 17.86 -16.03 -11.36
C GLY C 251 17.83 -15.40 -9.99
N GLY C 252 17.75 -14.07 -9.93
CA GLY C 252 17.52 -13.42 -8.65
C GLY C 252 16.14 -13.79 -8.09
N LYS C 253 16.00 -13.66 -6.78
CA LYS C 253 14.76 -14.03 -6.09
C LYS C 253 13.82 -12.84 -6.11
N TRP C 254 12.92 -12.81 -7.09
CA TRP C 254 12.00 -11.69 -7.26
C TRP C 254 10.56 -12.07 -6.89
N ILE C 255 9.77 -11.05 -6.64
CA ILE C 255 8.31 -11.11 -6.70
C ILE C 255 7.89 -10.38 -7.96
N VAL C 256 6.96 -10.96 -8.71
CA VAL C 256 6.50 -10.41 -10.00
C VAL C 256 4.99 -10.25 -9.93
N SER C 257 4.50 -9.08 -10.35
CA SER C 257 3.05 -8.91 -10.40
C SER C 257 2.68 -7.95 -11.52
N GLY C 258 1.50 -8.17 -12.10
CA GLY C 258 0.88 -7.17 -12.92
C GLY C 258 0.35 -6.04 -12.06
N SER C 259 -0.19 -5.02 -12.74
CA SER C 259 -0.58 -3.78 -12.09
C SER C 259 -1.61 -3.06 -12.95
N GLU C 260 -2.47 -2.27 -12.29
CA GLU C 260 -3.53 -1.53 -12.96
C GLU C 260 -3.04 -0.22 -13.60
N ASP C 261 -1.75 0.13 -13.47
CA ASP C 261 -1.16 1.22 -14.25
C ASP C 261 -0.43 0.72 -15.50
N ASN C 262 -0.74 -0.51 -15.95
CA ASN C 262 -0.26 -1.14 -17.19
C ASN C 262 1.19 -1.60 -17.13
N LEU C 263 1.80 -1.68 -15.95
CA LEU C 263 3.19 -2.09 -15.83
C LEU C 263 3.30 -3.47 -15.22
N VAL C 264 4.40 -4.15 -15.50
CA VAL C 264 4.80 -5.31 -14.70
C VAL C 264 5.74 -4.83 -13.62
N TYR C 265 5.44 -5.13 -12.36
CA TYR C 265 6.33 -4.76 -11.26
C TYR C 265 7.14 -5.97 -10.83
N ILE C 266 8.42 -5.71 -10.56
CA ILE C 266 9.34 -6.71 -10.03
C ILE C 266 10.01 -6.13 -8.79
N TRP C 267 9.87 -6.83 -7.66
CA TRP C 267 10.47 -6.49 -6.37
C TRP C 267 11.54 -7.49 -6.01
N ASN C 268 12.57 -7.02 -5.31
CA ASN C 268 13.49 -7.89 -4.58
C ASN C 268 12.73 -8.53 -3.42
N LEU C 269 12.71 -9.87 -3.36
CA LEU C 269 11.88 -10.53 -2.36
C LEU C 269 12.31 -10.16 -0.95
N GLN C 270 13.62 -10.09 -0.69
CA GLN C 270 14.10 -9.87 0.67
C GLN C 270 13.99 -8.42 1.10
N THR C 271 14.39 -7.50 0.24
CA THR C 271 14.45 -6.08 0.61
C THR C 271 13.16 -5.32 0.31
N LYS C 272 12.25 -5.89 -0.48
CA LYS C 272 10.97 -5.30 -0.88
C LYS C 272 11.12 -4.11 -1.82
N GLU C 273 12.34 -3.76 -2.23
CA GLU C 273 12.52 -2.67 -3.17
C GLU C 273 12.06 -3.09 -4.56
N ILE C 274 11.41 -2.17 -5.27
CA ILE C 274 11.15 -2.40 -6.68
C ILE C 274 12.48 -2.40 -7.41
N VAL C 275 12.75 -3.45 -8.16
CA VAL C 275 13.95 -3.54 -8.97
C VAL C 275 13.67 -3.35 -10.46
N GLN C 276 12.42 -3.51 -10.91
CA GLN C 276 12.15 -3.18 -12.31
C GLN C 276 10.66 -2.95 -12.54
N LYS C 277 10.34 -2.05 -13.47
CA LYS C 277 8.98 -1.86 -13.97
C LYS C 277 9.01 -2.03 -15.48
N LEU C 278 8.25 -2.99 -15.98
CA LEU C 278 8.22 -3.33 -17.39
C LEU C 278 7.10 -2.54 -18.06
N GLN C 279 7.47 -1.70 -19.01
CA GLN C 279 6.54 -0.83 -19.73
C GLN C 279 6.23 -1.41 -21.12
N GLY C 280 5.00 -1.21 -21.56
CA GLY C 280 4.62 -1.56 -22.93
C GLY C 280 3.18 -1.99 -23.11
N HIS C 281 2.56 -2.55 -22.07
CA HIS C 281 1.14 -2.83 -22.15
C HIS C 281 0.35 -1.52 -22.06
N THR C 282 -0.85 -1.54 -22.66
CA THR C 282 -1.72 -0.37 -22.74
C THR C 282 -3.02 -0.61 -21.98
N ASP C 283 -3.04 -1.59 -21.08
CA ASP C 283 -4.17 -1.82 -20.18
C ASP C 283 -3.67 -2.60 -18.98
N VAL C 284 -4.57 -2.80 -18.01
CA VAL C 284 -4.25 -3.54 -16.79
C VAL C 284 -3.53 -4.84 -17.13
N VAL C 285 -2.36 -5.06 -16.54
CA VAL C 285 -1.67 -6.33 -16.71
C VAL C 285 -2.32 -7.31 -15.74
N ILE C 286 -3.31 -8.05 -16.24
CA ILE C 286 -4.10 -8.92 -15.39
C ILE C 286 -3.26 -10.11 -14.96
N SER C 287 -2.26 -10.49 -15.76
CA SER C 287 -1.62 -11.76 -15.46
C SER C 287 -0.14 -11.71 -15.78
N THR C 288 0.67 -12.35 -14.92
CA THR C 288 2.08 -12.61 -15.17
C THR C 288 2.40 -14.05 -14.78
N ALA C 289 3.45 -14.60 -15.41
CA ALA C 289 3.95 -15.95 -15.15
C ALA C 289 5.46 -15.97 -15.36
N CYS C 290 6.14 -16.82 -14.61
CA CYS C 290 7.60 -16.94 -14.69
C CYS C 290 7.99 -18.29 -15.26
N HIS C 291 8.89 -18.26 -16.25
CA HIS C 291 9.30 -19.48 -16.91
C HIS C 291 9.98 -20.43 -15.91
N PRO C 292 9.76 -21.74 -16.00
CA PRO C 292 10.32 -22.65 -14.99
C PRO C 292 11.83 -22.76 -14.99
N THR C 293 12.53 -22.46 -16.09
CA THR C 293 13.97 -22.64 -16.07
C THR C 293 14.77 -21.43 -16.56
N GLU C 294 14.19 -20.62 -17.45
CA GLU C 294 14.85 -19.43 -17.97
C GLU C 294 14.28 -18.17 -17.32
N ASN C 295 15.08 -17.10 -17.35
CA ASN C 295 14.67 -15.80 -16.83
C ASN C 295 13.75 -15.12 -17.86
N ILE C 296 12.52 -15.63 -17.92
CA ILE C 296 11.52 -15.20 -18.88
C ILE C 296 10.21 -14.97 -18.15
N ILE C 297 9.62 -13.80 -18.37
CA ILE C 297 8.31 -13.45 -17.82
C ILE C 297 7.31 -13.39 -18.96
N ALA C 298 6.14 -13.99 -18.77
CA ALA C 298 5.01 -13.73 -19.65
C ALA C 298 4.04 -12.81 -18.93
N SER C 299 3.52 -11.82 -19.65
CA SER C 299 2.53 -10.88 -19.10
C SER C 299 1.37 -10.72 -20.07
N ALA C 300 0.20 -10.38 -19.54
CA ALA C 300 -0.97 -10.23 -20.40
C ALA C 300 -1.93 -9.21 -19.79
N ALA C 301 -2.73 -8.60 -20.66
CA ALA C 301 -3.48 -7.39 -20.34
C ALA C 301 -4.91 -7.46 -20.87
N LEU C 302 -5.72 -6.52 -20.35
CA LEU C 302 -7.17 -6.45 -20.54
C LEU C 302 -7.58 -5.77 -21.85
N GLU C 303 -8.85 -5.38 -21.92
CA GLU C 303 -9.58 -5.12 -23.16
C GLU C 303 -8.87 -4.18 -24.12
N ASN C 304 -8.30 -3.09 -23.61
CA ASN C 304 -7.66 -2.09 -24.45
C ASN C 304 -6.29 -2.56 -24.95
N ASP C 305 -5.83 -3.74 -24.55
CA ASP C 305 -4.54 -4.26 -24.99
C ASP C 305 -4.66 -5.60 -25.71
N LYS C 306 -5.18 -6.64 -25.06
CA LYS C 306 -5.43 -7.97 -25.62
C LYS C 306 -4.19 -8.76 -26.04
N THR C 307 -2.99 -8.32 -25.68
CA THR C 307 -1.79 -9.05 -26.07
C THR C 307 -1.13 -9.73 -24.87
N ILE C 308 -0.27 -10.70 -25.19
CA ILE C 308 0.67 -11.31 -24.28
C ILE C 308 2.05 -10.83 -24.67
N LYS C 309 2.90 -10.50 -23.69
CA LYS C 309 4.28 -10.13 -23.96
C LYS C 309 5.24 -11.09 -23.27
N LEU C 310 6.32 -11.42 -23.96
CA LEU C 310 7.39 -12.24 -23.42
C LEU C 310 8.62 -11.38 -23.19
N TRP C 311 9.16 -11.42 -21.98
CA TRP C 311 10.32 -10.63 -21.57
C TRP C 311 11.44 -11.55 -21.11
N LYS C 312 12.68 -11.16 -21.37
CA LYS C 312 13.83 -11.96 -20.99
C LYS C 312 14.91 -11.13 -20.28
N SER C 313 15.55 -11.75 -19.30
CA SER C 313 16.53 -11.10 -18.45
C SER C 313 17.78 -11.95 -18.37
N ASP C 314 18.91 -11.30 -18.08
CA ASP C 314 20.16 -12.01 -17.86
C ASP C 314 20.27 -12.59 -16.45
N CYS C 315 19.45 -12.12 -15.52
CA CYS C 315 19.48 -12.58 -14.15
C CYS C 315 18.09 -12.46 -13.55
N GLY D 1 -18.19 -12.59 -21.51
CA GLY D 1 -16.84 -12.22 -21.11
C GLY D 1 -16.34 -13.20 -20.08
N ALA D 2 -15.41 -12.76 -19.25
CA ALA D 2 -14.88 -13.57 -18.16
C ALA D 2 -14.84 -12.74 -16.89
N ALA D 3 -15.23 -13.36 -15.77
CA ALA D 3 -15.31 -12.64 -14.50
C ALA D 3 -13.99 -11.97 -14.13
N ARG D 4 -12.86 -12.63 -14.38
CA ARG D 4 -11.59 -12.02 -13.99
C ARG D 4 -11.33 -10.72 -14.73
N CYS D 5 -11.92 -10.55 -15.91
CA CYS D 5 -11.70 -9.35 -16.71
C CYS D 5 -12.69 -8.23 -16.40
N ARG D 6 -13.52 -8.40 -15.37
CA ARG D 6 -14.48 -7.41 -14.92
C ARG D 6 -14.16 -6.97 -13.50
N VAL D 7 -14.67 -5.79 -13.15
CA VAL D 7 -14.49 -5.27 -11.81
C VAL D 7 -15.67 -5.75 -10.96
N ALA D 8 -15.51 -5.73 -9.63
CA ALA D 8 -16.63 -6.01 -8.73
C ALA D 8 -17.69 -4.88 -8.75
#